data_1QAO
#
_entry.id   1QAO
#
_cell.length_a   81.46
_cell.length_b   81.46
_cell.length_c   121.57
_cell.angle_alpha   90
_cell.angle_beta   90
_cell.angle_gamma   90
#
_symmetry.space_group_name_H-M   'P 43 21 2'
#
loop_
_entity.id
_entity.type
_entity.pdbx_description
1 polymer "ERMC' METHYLTRANSFERASE"
2 non-polymer S-ADENOSYLMETHIONINE
#
_entity_poly.entity_id   1
_entity_poly.type   'polypeptide(L)'
_entity_poly.pdbx_seq_one_letter_code
;MNEKNIKHSQNFITSKHNIDKIMTNIRLNEHDNIFEIGSGKGHFTLELVQRCNFVTAIEIDHKLCKTTENKLVDHDNFQV
LNKDILQFKFPKNQSYKIFGNIPYNISTDIIRKIVFDSIADEIYLIVEYGFAKRLLNTKRSLALFLMAEVDISILSMVPR
EYFHPKPKVNSSLIRLNRKKSRISHKDKQKYNYFVMKWVNKEYKKIFTKNQFNNSLKHAGIDDLNNISFEQFLSLFNSYK
LFNK
;
_entity_poly.pdbx_strand_id   A
#
loop_
_chem_comp.id
_chem_comp.type
_chem_comp.name
_chem_comp.formula
SAM non-polymer S-ADENOSYLMETHIONINE 'C15 H22 N6 O5 S'
#
# COMPACT_ATOMS: atom_id res chain seq x y z
N SER A 9 0.31 -15.15 11.86
CA SER A 9 -1.13 -14.79 12.01
C SER A 9 -1.27 -13.42 12.71
N GLN A 10 -1.06 -13.40 14.02
CA GLN A 10 -1.15 -12.12 14.72
C GLN A 10 0.19 -11.78 15.33
N ASN A 11 1.13 -11.29 14.52
CA ASN A 11 2.44 -10.89 15.02
C ASN A 11 2.42 -9.52 15.72
N PHE A 12 3.17 -9.42 16.80
CA PHE A 12 3.21 -8.19 17.53
C PHE A 12 4.64 -7.66 17.63
N ILE A 13 4.78 -6.35 17.55
CA ILE A 13 6.08 -5.74 17.69
C ILE A 13 5.86 -4.96 18.98
N THR A 14 6.42 -5.47 20.08
CA THR A 14 6.24 -4.86 21.39
C THR A 14 7.43 -4.18 22.06
N SER A 15 8.61 -4.23 21.45
CA SER A 15 9.76 -3.59 22.08
C SER A 15 9.80 -2.09 21.78
N LYS A 16 9.60 -1.29 22.83
CA LYS A 16 9.59 0.16 22.71
C LYS A 16 10.82 0.66 21.95
N HIS A 17 11.96 0.05 22.26
CA HIS A 17 13.20 0.42 21.61
C HIS A 17 13.05 0.28 20.09
N ASN A 18 12.43 -0.82 19.67
CA ASN A 18 12.22 -1.10 18.25
C ASN A 18 11.11 -0.29 17.62
N ILE A 19 10.10 0.04 18.41
CA ILE A 19 8.99 0.82 17.91
C ILE A 19 9.48 2.24 17.65
N ASP A 20 10.32 2.77 18.54
CA ASP A 20 10.84 4.11 18.34
C ASP A 20 11.66 4.19 17.06
N LYS A 21 12.44 3.16 16.77
CA LYS A 21 13.24 3.17 15.56
C LYS A 21 12.37 3.19 14.33
N ILE A 22 11.31 2.38 14.33
CA ILE A 22 10.42 2.33 13.18
C ILE A 22 9.66 3.65 13.04
N MET A 23 9.28 4.27 14.16
CA MET A 23 8.55 5.55 14.15
C MET A 23 9.46 6.66 13.60
N THR A 24 10.75 6.43 13.72
CA THR A 24 11.74 7.37 13.23
C THR A 24 11.57 7.66 11.73
N ASN A 25 11.13 6.67 10.96
CA ASN A 25 10.95 6.85 9.51
C ASN A 25 9.55 7.23 9.16
N ILE A 26 8.67 7.25 10.16
CA ILE A 26 7.28 7.55 9.92
C ILE A 26 7.01 9.01 10.24
N ARG A 27 6.96 9.82 9.19
CA ARG A 27 6.74 11.23 9.37
C ARG A 27 5.27 11.62 9.28
N LEU A 28 4.64 11.62 10.44
CA LEU A 28 3.23 11.98 10.60
C LEU A 28 3.30 13.08 11.65
N ASN A 29 2.53 14.14 11.46
CA ASN A 29 2.57 15.23 12.42
C ASN A 29 1.31 15.39 13.27
N GLU A 30 1.41 16.26 14.27
CA GLU A 30 0.33 16.54 15.19
C GLU A 30 -1.04 16.80 14.60
N HIS A 31 -1.09 17.34 13.38
CA HIS A 31 -2.36 17.68 12.75
C HIS A 31 -3.02 16.62 11.85
N ASP A 32 -2.35 15.49 11.67
CA ASP A 32 -2.89 14.42 10.84
C ASP A 32 -3.86 13.51 11.56
N ASN A 33 -4.94 13.15 10.88
CA ASN A 33 -5.89 12.19 11.44
C ASN A 33 -5.40 10.86 10.89
N ILE A 34 -5.37 9.84 11.75
CA ILE A 34 -4.86 8.55 11.32
C ILE A 34 -5.79 7.36 11.49
N PHE A 35 -5.83 6.48 10.50
CA PHE A 35 -6.59 5.24 10.60
C PHE A 35 -5.54 4.14 10.69
N GLU A 36 -5.48 3.41 11.80
CA GLU A 36 -4.53 2.31 11.87
C GLU A 36 -5.20 0.97 11.59
N ILE A 37 -4.56 0.18 10.73
CA ILE A 37 -5.06 -1.13 10.36
C ILE A 37 -4.43 -2.18 11.29
N GLY A 38 -5.26 -2.83 12.09
CA GLY A 38 -4.80 -3.85 13.02
C GLY A 38 -3.93 -3.37 14.18
N SER A 39 -4.53 -2.61 15.11
CA SER A 39 -3.79 -2.09 16.24
C SER A 39 -3.22 -3.15 17.19
N GLY A 40 -3.69 -4.39 17.06
CA GLY A 40 -3.22 -5.47 17.91
C GLY A 40 -3.29 -5.14 19.39
N LYS A 41 -2.17 -5.30 20.09
CA LYS A 41 -2.13 -4.99 21.51
C LYS A 41 -1.96 -3.49 21.79
N GLY A 42 -1.99 -2.70 20.72
CA GLY A 42 -1.88 -1.25 20.85
C GLY A 42 -0.52 -0.60 20.94
N HIS A 43 0.54 -1.36 20.66
CA HIS A 43 1.90 -0.80 20.74
C HIS A 43 2.19 0.36 19.81
N PHE A 44 1.77 0.26 18.55
CA PHE A 44 1.96 1.37 17.63
C PHE A 44 0.90 2.42 17.92
N THR A 45 -0.30 1.96 18.28
CA THR A 45 -1.41 2.86 18.55
C THR A 45 -1.05 3.92 19.58
N LEU A 46 -0.29 3.50 20.60
CA LEU A 46 0.10 4.42 21.65
C LEU A 46 1.08 5.47 21.15
N GLU A 47 1.94 5.12 20.22
CA GLU A 47 2.87 6.12 19.71
C GLU A 47 2.13 7.06 18.76
N LEU A 48 1.15 6.53 18.04
CA LEU A 48 0.39 7.33 17.10
C LEU A 48 -0.45 8.42 17.76
N VAL A 49 -1.14 8.09 18.85
CA VAL A 49 -1.95 9.10 19.53
C VAL A 49 -1.09 10.23 20.08
N GLN A 50 0.07 9.89 20.62
CA GLN A 50 0.97 10.89 21.17
C GLN A 50 1.65 11.70 20.09
N ARG A 51 1.55 11.21 18.87
CA ARG A 51 2.19 11.85 17.74
C ARG A 51 1.23 12.58 16.81
N CYS A 52 0.04 12.02 16.64
CA CYS A 52 -0.96 12.57 15.74
C CYS A 52 -2.20 13.16 16.37
N ASN A 53 -2.94 13.90 15.55
CA ASN A 53 -4.16 14.56 15.98
C ASN A 53 -5.23 13.62 16.53
N PHE A 54 -5.54 12.56 15.80
CA PHE A 54 -6.56 11.61 16.22
C PHE A 54 -6.30 10.26 15.57
N VAL A 55 -6.63 9.18 16.26
CA VAL A 55 -6.37 7.85 15.74
C VAL A 55 -7.53 6.89 15.81
N THR A 56 -8.07 6.54 14.65
CA THR A 56 -9.16 5.60 14.59
C THR A 56 -8.52 4.24 14.35
N ALA A 57 -8.50 3.41 15.37
CA ALA A 57 -7.92 2.07 15.25
C ALA A 57 -8.99 1.05 14.80
N ILE A 58 -8.68 0.26 13.78
CA ILE A 58 -9.63 -0.74 13.29
C ILE A 58 -9.06 -2.12 13.58
N GLU A 59 -9.67 -2.84 14.51
CA GLU A 59 -9.21 -4.17 14.88
C GLU A 59 -10.37 -5.18 14.83
N ILE A 60 -10.20 -6.20 14.00
CA ILE A 60 -11.22 -7.22 13.81
C ILE A 60 -11.39 -8.14 15.03
N ASP A 61 -10.34 -8.29 15.81
CA ASP A 61 -10.38 -9.13 17.01
C ASP A 61 -10.96 -8.35 18.18
N HIS A 62 -12.11 -8.79 18.69
CA HIS A 62 -12.77 -8.08 19.78
C HIS A 62 -11.90 -8.01 21.04
N LYS A 63 -11.14 -9.06 21.32
CA LYS A 63 -10.30 -9.07 22.52
C LYS A 63 -9.22 -7.97 22.40
N LEU A 64 -8.50 -7.99 21.29
CA LEU A 64 -7.45 -7.01 21.04
C LEU A 64 -7.92 -5.57 21.14
N CYS A 65 -9.16 -5.29 20.73
CA CYS A 65 -9.67 -3.92 20.83
C CYS A 65 -9.65 -3.48 22.28
N LYS A 66 -9.96 -4.43 23.17
CA LYS A 66 -10.00 -4.14 24.60
C LYS A 66 -8.60 -3.82 25.08
N THR A 67 -7.65 -4.70 24.74
CA THR A 67 -6.26 -4.52 25.12
C THR A 67 -5.77 -3.15 24.65
N THR A 68 -6.12 -2.81 23.40
CA THR A 68 -5.74 -1.54 22.81
C THR A 68 -6.34 -0.40 23.62
N GLU A 69 -7.63 -0.46 23.89
CA GLU A 69 -8.27 0.59 24.68
C GLU A 69 -7.58 0.72 26.03
N ASN A 70 -7.18 -0.41 26.61
CA ASN A 70 -6.52 -0.39 27.90
C ASN A 70 -5.18 0.32 27.80
N LYS A 71 -4.44 0.04 26.73
CA LYS A 71 -3.15 0.66 26.59
C LYS A 71 -3.21 2.17 26.43
N LEU A 72 -4.29 2.66 25.83
CA LEU A 72 -4.48 4.09 25.58
C LEU A 72 -5.31 4.77 26.66
N VAL A 73 -5.52 4.07 27.77
CA VAL A 73 -6.29 4.58 28.89
C VAL A 73 -6.02 6.04 29.21
N ASP A 74 -4.75 6.45 29.16
CA ASP A 74 -4.41 7.82 29.48
C ASP A 74 -4.49 8.82 28.34
N HIS A 75 -5.11 8.41 27.24
CA HIS A 75 -5.23 9.28 26.08
C HIS A 75 -6.69 9.45 25.65
N ASP A 76 -7.00 10.59 25.04
CA ASP A 76 -8.38 10.83 24.61
C ASP A 76 -8.59 11.02 23.12
N ASN A 77 -7.52 11.25 22.38
CA ASN A 77 -7.65 11.49 20.95
C ASN A 77 -7.63 10.25 20.05
N PHE A 78 -8.38 9.22 20.43
CA PHE A 78 -8.45 8.03 19.62
C PHE A 78 -9.86 7.43 19.62
N GLN A 79 -9.98 6.24 19.07
CA GLN A 79 -11.25 5.54 18.96
C GLN A 79 -10.89 4.17 18.42
N VAL A 80 -11.34 3.11 19.08
CA VAL A 80 -11.03 1.77 18.61
C VAL A 80 -12.30 1.08 18.12
N LEU A 81 -12.38 0.85 16.81
CA LEU A 81 -13.54 0.21 16.21
C LEU A 81 -13.28 -1.25 15.94
N ASN A 82 -14.17 -2.10 16.41
CA ASN A 82 -14.02 -3.53 16.21
C ASN A 82 -14.65 -3.93 14.89
N LYS A 83 -13.88 -3.78 13.82
CA LYS A 83 -14.40 -4.11 12.50
C LYS A 83 -13.39 -4.73 11.56
N ASP A 84 -13.86 -5.18 10.40
CA ASP A 84 -13.02 -5.79 9.39
C ASP A 84 -12.53 -4.66 8.49
N ILE A 85 -11.21 -4.53 8.35
CA ILE A 85 -10.67 -3.46 7.52
C ILE A 85 -11.27 -3.54 6.12
N LEU A 86 -11.32 -4.74 5.56
CA LEU A 86 -11.83 -4.92 4.23
C LEU A 86 -13.24 -4.36 4.04
N GLN A 87 -14.05 -4.38 5.10
CA GLN A 87 -15.42 -3.88 5.00
C GLN A 87 -15.56 -2.41 5.37
N PHE A 88 -14.60 -1.90 6.13
CA PHE A 88 -14.64 -0.51 6.60
C PHE A 88 -14.83 0.53 5.49
N LYS A 89 -15.62 1.56 5.76
CA LYS A 89 -15.85 2.63 4.78
C LYS A 89 -15.16 3.92 5.22
N PHE A 90 -14.04 4.23 4.59
CA PHE A 90 -13.25 5.42 4.89
C PHE A 90 -13.95 6.72 4.54
N PRO A 91 -13.57 7.82 5.18
CA PRO A 91 -14.18 9.14 4.93
C PRO A 91 -13.98 9.56 3.47
N LYS A 92 -14.91 10.34 2.94
CA LYS A 92 -14.80 10.78 1.54
C LYS A 92 -14.44 12.24 1.34
N ASN A 93 -14.61 13.06 2.37
CA ASN A 93 -14.25 14.48 2.25
C ASN A 93 -13.30 14.85 3.37
N GLN A 94 -12.27 14.05 3.57
CA GLN A 94 -11.36 14.33 4.66
C GLN A 94 -9.92 13.97 4.33
N SER A 95 -9.01 14.72 4.94
CA SER A 95 -7.60 14.46 4.77
C SER A 95 -7.21 13.54 5.91
N TYR A 96 -6.75 12.35 5.57
CA TYR A 96 -6.30 11.39 6.57
C TYR A 96 -5.20 10.55 5.99
N LYS A 97 -4.48 9.90 6.88
CA LYS A 97 -3.38 9.06 6.48
C LYS A 97 -3.60 7.73 7.12
N ILE A 98 -2.87 6.72 6.64
CA ILE A 98 -3.00 5.38 7.17
C ILE A 98 -1.68 4.75 7.58
N PHE A 99 -1.72 4.01 8.68
CA PHE A 99 -0.57 3.28 9.16
C PHE A 99 -1.01 1.89 9.51
N GLY A 100 -0.15 0.90 9.28
CA GLY A 100 -0.53 -0.44 9.63
C GLY A 100 0.52 -1.52 9.50
N ASN A 101 0.60 -2.35 10.53
CA ASN A 101 1.48 -3.50 10.52
C ASN A 101 0.45 -4.60 10.23
N ILE A 102 0.33 -4.96 8.97
CA ILE A 102 -0.66 -5.89 8.51
C ILE A 102 -0.25 -7.35 8.28
N PRO A 103 -1.24 -8.26 8.37
CA PRO A 103 -1.12 -9.71 8.19
C PRO A 103 -0.78 -10.05 6.75
N TYR A 104 0.18 -10.96 6.55
CA TYR A 104 0.59 -11.35 5.20
C TYR A 104 -0.49 -12.02 4.35
N ASN A 105 -1.30 -12.85 4.99
CA ASN A 105 -2.36 -13.57 4.28
C ASN A 105 -3.36 -12.67 3.54
N ILE A 106 -3.50 -11.42 3.95
CA ILE A 106 -4.42 -10.49 3.29
C ILE A 106 -3.76 -9.18 2.87
N SER A 107 -2.43 -9.19 2.70
CA SER A 107 -1.75 -7.98 2.31
C SER A 107 -2.35 -7.40 1.05
N THR A 108 -2.46 -8.23 0.02
CA THR A 108 -3.00 -7.80 -1.25
C THR A 108 -4.39 -7.17 -1.12
N ASP A 109 -5.31 -7.87 -0.48
CA ASP A 109 -6.66 -7.35 -0.29
C ASP A 109 -6.65 -6.01 0.45
N ILE A 110 -5.86 -5.94 1.53
CA ILE A 110 -5.77 -4.70 2.30
C ILE A 110 -5.17 -3.54 1.52
N ILE A 111 -4.11 -3.80 0.77
CA ILE A 111 -3.50 -2.73 0.03
C ILE A 111 -4.38 -2.23 -1.12
N ARG A 112 -5.16 -3.13 -1.73
CA ARG A 112 -6.05 -2.71 -2.81
C ARG A 112 -7.18 -1.87 -2.21
N LYS A 113 -7.69 -2.37 -1.08
CA LYS A 113 -8.78 -1.72 -0.36
C LYS A 113 -8.44 -0.29 0.07
N ILE A 114 -7.23 -0.08 0.55
CA ILE A 114 -6.86 1.26 1.01
C ILE A 114 -6.35 2.17 -0.10
N VAL A 115 -5.93 1.61 -1.21
CA VAL A 115 -5.46 2.43 -2.32
C VAL A 115 -6.63 2.76 -3.26
N PHE A 116 -7.44 1.76 -3.57
CA PHE A 116 -8.56 1.98 -4.48
C PHE A 116 -9.90 2.36 -3.85
N ASP A 117 -10.09 2.03 -2.58
CA ASP A 117 -11.36 2.33 -1.95
C ASP A 117 -11.17 3.17 -0.70
N SER A 118 -10.18 4.05 -0.79
CA SER A 118 -9.82 4.98 0.28
C SER A 118 -9.20 6.21 -0.39
N ILE A 119 -9.21 7.36 0.30
CA ILE A 119 -8.58 8.51 -0.29
C ILE A 119 -7.48 9.06 0.59
N ALA A 120 -6.89 8.20 1.42
CA ALA A 120 -5.80 8.61 2.29
C ALA A 120 -4.72 9.15 1.36
N ASP A 121 -4.03 10.22 1.73
CA ASP A 121 -3.02 10.72 0.83
C ASP A 121 -1.67 10.13 1.13
N GLU A 122 -1.49 9.62 2.34
CA GLU A 122 -0.21 9.02 2.69
C GLU A 122 -0.49 7.75 3.45
N ILE A 123 0.16 6.66 3.06
CA ILE A 123 -0.04 5.35 3.67
C ILE A 123 1.27 4.66 4.06
N TYR A 124 1.40 4.33 5.35
CA TYR A 124 2.59 3.66 5.88
C TYR A 124 2.27 2.23 6.29
N LEU A 125 2.93 1.26 5.68
CA LEU A 125 2.69 -0.14 6.01
C LEU A 125 3.96 -0.93 6.32
N ILE A 126 3.79 -1.95 7.16
CA ILE A 126 4.87 -2.88 7.48
C ILE A 126 4.35 -4.17 6.86
N VAL A 127 5.08 -4.67 5.86
CA VAL A 127 4.69 -5.89 5.14
C VAL A 127 5.93 -6.74 4.92
N GLU A 128 5.75 -7.97 4.42
CA GLU A 128 6.90 -8.85 4.19
C GLU A 128 7.85 -8.34 3.13
N TYR A 129 9.15 -8.48 3.41
CA TYR A 129 10.23 -8.05 2.53
C TYR A 129 10.00 -8.36 1.04
N GLY A 130 9.62 -9.60 0.76
CA GLY A 130 9.37 -10.00 -0.62
C GLY A 130 8.14 -9.36 -1.20
N PHE A 131 7.06 -9.36 -0.44
CA PHE A 131 5.81 -8.76 -0.89
C PHE A 131 6.12 -7.32 -1.31
N ALA A 132 6.91 -6.63 -0.51
CA ALA A 132 7.27 -5.25 -0.80
C ALA A 132 8.03 -5.13 -2.11
N LYS A 133 8.96 -6.06 -2.34
CA LYS A 133 9.77 -6.08 -3.56
C LYS A 133 8.90 -6.22 -4.81
N ARG A 134 7.81 -6.96 -4.70
CA ARG A 134 6.95 -7.15 -5.86
C ARG A 134 6.01 -5.97 -6.14
N LEU A 135 5.81 -5.09 -5.17
CA LEU A 135 4.96 -3.93 -5.38
C LEU A 135 5.65 -2.94 -6.31
N LEU A 136 6.96 -3.05 -6.40
CA LEU A 136 7.74 -2.16 -7.26
C LEU A 136 8.19 -2.93 -8.49
N ASN A 137 7.57 -4.08 -8.73
CA ASN A 137 7.95 -4.91 -9.87
C ASN A 137 7.01 -4.65 -11.05
N THR A 138 7.49 -3.95 -12.07
CA THR A 138 6.65 -3.64 -13.22
C THR A 138 6.29 -4.84 -14.12
N LYS A 139 6.54 -6.05 -13.64
CA LYS A 139 6.21 -7.26 -14.39
C LYS A 139 4.95 -7.87 -13.78
N ARG A 140 4.55 -7.30 -12.65
CA ARG A 140 3.39 -7.76 -11.91
C ARG A 140 2.18 -6.83 -12.13
N SER A 141 0.99 -7.40 -12.25
CA SER A 141 -0.20 -6.59 -12.49
C SER A 141 -0.57 -5.71 -11.29
N LEU A 142 -0.35 -6.20 -10.08
CA LEU A 142 -0.68 -5.41 -8.90
C LEU A 142 0.12 -4.12 -8.87
N ALA A 143 1.42 -4.22 -9.12
CA ALA A 143 2.25 -3.03 -9.10
C ALA A 143 1.77 -2.00 -10.11
N LEU A 144 1.42 -2.45 -11.30
CA LEU A 144 0.98 -1.54 -12.33
C LEU A 144 -0.33 -0.86 -11.99
N PHE A 145 -1.26 -1.59 -11.36
CA PHE A 145 -2.54 -1.01 -10.99
C PHE A 145 -2.39 0.01 -9.86
N LEU A 146 -1.40 -0.22 -9.01
CA LEU A 146 -1.17 0.68 -7.89
C LEU A 146 -0.36 1.93 -8.27
N MET A 147 0.63 1.77 -9.14
CA MET A 147 1.48 2.89 -9.56
C MET A 147 0.76 3.98 -10.32
N ALA A 148 -0.47 3.70 -10.75
CA ALA A 148 -1.27 4.68 -11.47
C ALA A 148 -1.97 5.58 -10.46
N GLU A 149 -2.00 5.12 -9.20
CA GLU A 149 -2.64 5.85 -8.12
C GLU A 149 -1.69 6.29 -7.02
N VAL A 150 -0.54 5.66 -6.88
CA VAL A 150 0.38 6.04 -5.83
C VAL A 150 1.85 5.85 -6.15
N ASP A 151 2.71 6.54 -5.41
CA ASP A 151 4.14 6.35 -5.57
C ASP A 151 4.53 5.41 -4.44
N ILE A 152 5.33 4.41 -4.75
CA ILE A 152 5.74 3.43 -3.75
C ILE A 152 7.20 3.57 -3.32
N SER A 153 7.43 3.53 -2.01
CA SER A 153 8.78 3.65 -1.48
C SER A 153 9.04 2.67 -0.35
N ILE A 154 10.19 2.02 -0.41
CA ILE A 154 10.59 1.12 0.65
C ILE A 154 11.50 1.96 1.51
N LEU A 155 11.03 2.25 2.72
CA LEU A 155 11.78 3.10 3.62
C LEU A 155 12.86 2.42 4.43
N SER A 156 12.64 1.16 4.78
CA SER A 156 13.63 0.44 5.59
C SER A 156 13.24 -1.00 5.84
N MET A 157 14.15 -1.72 6.48
CA MET A 157 13.93 -3.13 6.78
C MET A 157 13.53 -3.32 8.24
N VAL A 158 12.53 -4.17 8.47
CA VAL A 158 12.08 -4.47 9.83
C VAL A 158 12.49 -5.91 10.11
N PRO A 159 13.52 -6.11 10.96
CA PRO A 159 13.99 -7.45 11.28
C PRO A 159 12.89 -8.32 11.86
N ARG A 160 12.88 -9.59 11.46
CA ARG A 160 11.87 -10.51 11.94
C ARG A 160 11.93 -10.67 13.47
N GLU A 161 13.11 -10.46 14.06
CA GLU A 161 13.26 -10.56 15.51
C GLU A 161 12.39 -9.49 16.22
N TYR A 162 12.04 -8.43 15.50
CA TYR A 162 11.21 -7.35 16.05
C TYR A 162 9.78 -7.85 16.24
N PHE A 163 9.48 -8.99 15.60
CA PHE A 163 8.15 -9.60 15.65
C PHE A 163 8.08 -10.79 16.60
N HIS A 164 6.85 -11.12 16.99
CA HIS A 164 6.60 -12.29 17.82
C HIS A 164 5.18 -12.83 17.70
N PRO A 165 5.05 -14.11 17.34
CA PRO A 165 6.13 -15.07 17.04
C PRO A 165 7.05 -14.64 15.89
N LYS A 166 8.33 -15.00 16.01
CA LYS A 166 9.33 -14.64 15.02
C LYS A 166 9.09 -15.32 13.67
N PRO A 167 8.62 -14.57 12.67
CA PRO A 167 8.33 -15.07 11.32
C PRO A 167 9.59 -15.60 10.62
N LYS A 168 9.40 -16.37 9.55
CA LYS A 168 10.54 -16.93 8.83
C LYS A 168 11.35 -15.92 8.02
N VAL A 169 10.69 -14.87 7.54
CA VAL A 169 11.36 -13.85 6.73
C VAL A 169 11.27 -12.46 7.34
N ASN A 170 12.13 -11.55 6.88
CA ASN A 170 12.11 -10.17 7.36
C ASN A 170 11.00 -9.41 6.66
N SER A 171 10.64 -8.26 7.21
CA SER A 171 9.60 -7.42 6.63
C SER A 171 10.15 -6.04 6.28
N SER A 172 9.39 -5.27 5.53
CA SER A 172 9.79 -3.93 5.15
C SER A 172 8.75 -2.89 5.52
N LEU A 173 9.20 -1.66 5.77
CA LEU A 173 8.32 -0.55 6.08
C LEU A 173 8.19 0.20 4.78
N ILE A 174 7.01 0.22 4.18
CA ILE A 174 6.83 0.94 2.92
C ILE A 174 5.91 2.15 3.06
N ARG A 175 6.07 3.12 2.16
CA ARG A 175 5.24 4.31 2.16
C ARG A 175 4.56 4.44 0.80
N LEU A 176 3.30 4.85 0.80
CA LEU A 176 2.56 5.03 -0.42
C LEU A 176 1.97 6.42 -0.42
N ASN A 177 2.32 7.23 -1.41
CA ASN A 177 1.78 8.59 -1.50
C ASN A 177 0.88 8.72 -2.71
N ARG A 178 -0.33 9.23 -2.47
CA ARG A 178 -1.28 9.41 -3.54
C ARG A 178 -0.82 10.58 -4.40
N LYS A 179 -1.19 10.53 -5.67
CA LYS A 179 -0.83 11.56 -6.64
C LYS A 179 -2.02 11.67 -7.60
N LYS A 180 -1.96 12.59 -8.56
CA LYS A 180 -3.05 12.71 -9.54
C LYS A 180 -2.99 11.45 -10.38
N SER A 181 -4.07 10.68 -10.42
CA SER A 181 -4.08 9.45 -11.18
C SER A 181 -3.51 9.61 -12.58
N ARG A 182 -2.72 8.63 -13.00
CA ARG A 182 -2.12 8.66 -14.32
C ARG A 182 -3.08 8.09 -15.35
N ILE A 183 -4.15 7.47 -14.87
CA ILE A 183 -5.15 6.87 -15.74
C ILE A 183 -6.51 7.51 -15.51
N SER A 184 -7.09 8.07 -16.57
CA SER A 184 -8.40 8.72 -16.45
C SER A 184 -9.47 7.67 -16.12
N HIS A 185 -10.55 8.12 -15.50
CA HIS A 185 -11.62 7.20 -15.13
C HIS A 185 -12.20 6.60 -16.42
N LYS A 186 -12.07 7.34 -17.52
CA LYS A 186 -12.57 6.89 -18.80
C LYS A 186 -11.81 5.63 -19.27
N ASP A 187 -10.51 5.58 -18.99
CA ASP A 187 -9.68 4.45 -19.40
C ASP A 187 -9.67 3.27 -18.41
N LYS A 188 -10.54 3.33 -17.41
CA LYS A 188 -10.65 2.27 -16.40
C LYS A 188 -10.54 0.87 -17.01
N GLN A 189 -11.48 0.57 -17.90
CA GLN A 189 -11.55 -0.72 -18.59
C GLN A 189 -10.27 -1.03 -19.36
N LYS A 190 -9.99 -0.23 -20.38
CA LYS A 190 -8.82 -0.40 -21.24
C LYS A 190 -7.54 -0.67 -20.48
N TYR A 191 -7.24 0.17 -19.51
CA TYR A 191 -6.03 0.01 -18.74
C TYR A 191 -6.03 -1.38 -18.09
N ASN A 192 -7.14 -1.72 -17.46
CA ASN A 192 -7.26 -3.00 -16.78
C ASN A 192 -6.96 -4.13 -17.77
N TYR A 193 -7.59 -4.08 -18.94
CA TYR A 193 -7.37 -5.10 -19.94
C TYR A 193 -5.91 -5.10 -20.37
N PHE A 194 -5.42 -3.95 -20.80
CA PHE A 194 -4.04 -3.81 -21.26
C PHE A 194 -3.04 -4.34 -20.26
N VAL A 195 -3.26 -4.03 -18.97
CA VAL A 195 -2.38 -4.48 -17.89
C VAL A 195 -2.29 -5.99 -17.83
N MET A 196 -3.45 -6.64 -17.83
CA MET A 196 -3.49 -8.09 -17.76
C MET A 196 -2.78 -8.74 -18.94
N LYS A 197 -3.11 -8.32 -20.15
CA LYS A 197 -2.47 -8.89 -21.32
C LYS A 197 -0.97 -8.64 -21.41
N TRP A 198 -0.51 -7.56 -20.81
CA TRP A 198 0.91 -7.28 -20.86
C TRP A 198 1.71 -8.10 -19.85
N VAL A 199 1.17 -8.28 -18.64
CA VAL A 199 1.92 -9.05 -17.66
C VAL A 199 1.99 -10.50 -18.09
N ASN A 200 1.00 -10.93 -18.88
CA ASN A 200 0.99 -12.31 -19.36
C ASN A 200 1.72 -12.50 -20.68
N LYS A 201 2.29 -11.43 -21.20
CA LYS A 201 3.01 -11.49 -22.46
C LYS A 201 2.14 -11.91 -23.64
N GLU A 202 0.84 -11.74 -23.51
CA GLU A 202 -0.06 -12.08 -24.59
C GLU A 202 -0.04 -10.86 -25.51
N TYR A 203 1.15 -10.44 -25.90
CA TYR A 203 1.35 -9.26 -26.74
C TYR A 203 0.44 -9.21 -27.97
N LYS A 204 0.34 -10.35 -28.66
CA LYS A 204 -0.46 -10.44 -29.88
C LYS A 204 -1.87 -9.88 -29.69
N LYS A 205 -2.49 -10.16 -28.54
CA LYS A 205 -3.85 -9.69 -28.27
C LYS A 205 -3.94 -8.17 -28.08
N ILE A 206 -2.81 -7.50 -27.89
CA ILE A 206 -2.82 -6.05 -27.70
C ILE A 206 -2.02 -5.27 -28.74
N PHE A 207 -1.13 -5.94 -29.46
CA PHE A 207 -0.32 -5.29 -30.49
C PHE A 207 -0.07 -6.17 -31.72
N THR A 208 0.17 -5.50 -32.84
CA THR A 208 0.49 -6.17 -34.09
C THR A 208 2.02 -6.19 -34.02
N LYS A 209 2.68 -7.05 -34.80
CA LYS A 209 4.13 -7.09 -34.71
C LYS A 209 4.78 -5.71 -34.80
N ASN A 210 4.25 -4.84 -35.65
CA ASN A 210 4.85 -3.51 -35.80
C ASN A 210 4.46 -2.53 -34.70
N GLN A 211 3.17 -2.45 -34.41
CA GLN A 211 2.72 -1.56 -33.35
C GLN A 211 3.62 -1.82 -32.16
N PHE A 212 3.77 -3.10 -31.83
CA PHE A 212 4.60 -3.53 -30.72
C PHE A 212 6.02 -2.97 -30.88
N ASN A 213 6.60 -3.13 -32.07
CA ASN A 213 7.93 -2.63 -32.35
C ASN A 213 8.01 -1.14 -32.05
N ASN A 214 7.35 -0.35 -32.89
CA ASN A 214 7.32 1.09 -32.77
C ASN A 214 7.04 1.58 -31.35
N SER A 215 6.08 0.94 -30.68
CA SER A 215 5.73 1.32 -29.32
C SER A 215 6.94 1.20 -28.40
N LEU A 216 7.69 0.12 -28.53
CA LEU A 216 8.87 -0.06 -27.68
C LEU A 216 9.94 0.98 -28.00
N LYS A 217 10.23 1.20 -29.28
CA LYS A 217 11.22 2.19 -29.66
C LYS A 217 10.77 3.57 -29.21
N HIS A 218 9.48 3.84 -29.37
CA HIS A 218 8.92 5.12 -28.98
C HIS A 218 9.02 5.30 -27.47
N ALA A 219 8.74 4.23 -26.74
CA ALA A 219 8.79 4.25 -25.29
C ALA A 219 10.23 4.28 -24.78
N GLY A 220 11.17 3.87 -25.62
CA GLY A 220 12.56 3.84 -25.22
C GLY A 220 12.92 2.52 -24.56
N ILE A 221 11.98 1.59 -24.56
CA ILE A 221 12.18 0.27 -23.96
C ILE A 221 13.14 -0.55 -24.81
N ASP A 222 14.33 -0.82 -24.28
CA ASP A 222 15.32 -1.62 -24.99
C ASP A 222 15.34 -3.04 -24.43
N ASP A 223 15.00 -3.18 -23.14
CA ASP A 223 14.94 -4.48 -22.47
C ASP A 223 13.58 -4.72 -21.81
N LEU A 224 12.86 -5.73 -22.31
CA LEU A 224 11.54 -6.10 -21.80
C LEU A 224 11.47 -6.60 -20.38
N ASN A 225 12.63 -6.85 -19.76
CA ASN A 225 12.65 -7.31 -18.38
C ASN A 225 12.94 -6.17 -17.44
N ASN A 226 13.07 -4.97 -18.00
CA ASN A 226 13.36 -3.83 -17.16
C ASN A 226 12.72 -2.55 -17.70
N ILE A 227 11.41 -2.42 -17.54
CA ILE A 227 10.76 -1.21 -18.01
C ILE A 227 10.31 -0.42 -16.79
N SER A 228 10.41 0.90 -16.89
CA SER A 228 9.99 1.77 -15.79
C SER A 228 8.49 1.95 -15.94
N PHE A 229 7.84 2.40 -14.87
CA PHE A 229 6.41 2.60 -14.95
C PHE A 229 6.11 3.64 -16.03
N GLU A 230 7.01 4.61 -16.14
CA GLU A 230 6.86 5.69 -17.10
C GLU A 230 6.82 5.11 -18.51
N GLN A 231 7.75 4.20 -18.81
CA GLN A 231 7.78 3.56 -20.11
C GLN A 231 6.51 2.75 -20.36
N PHE A 232 6.02 2.05 -19.34
CA PHE A 232 4.80 1.25 -19.46
C PHE A 232 3.62 2.15 -19.77
N LEU A 233 3.60 3.31 -19.10
CA LEU A 233 2.55 4.30 -19.30
C LEU A 233 2.55 4.64 -20.78
N SER A 234 3.76 4.78 -21.33
CA SER A 234 3.91 5.08 -22.74
C SER A 234 3.29 4.01 -23.61
N LEU A 235 3.52 2.75 -23.24
CA LEU A 235 2.96 1.66 -24.02
C LEU A 235 1.45 1.76 -24.05
N PHE A 236 0.86 1.94 -22.88
CA PHE A 236 -0.59 2.05 -22.77
C PHE A 236 -1.13 3.21 -23.59
N ASN A 237 -0.30 4.22 -23.78
CA ASN A 237 -0.74 5.38 -24.53
C ASN A 237 -0.66 5.13 -26.04
N SER A 238 0.40 4.45 -26.48
CA SER A 238 0.52 4.12 -27.89
C SER A 238 -0.65 3.17 -28.19
N TYR A 239 -0.89 2.24 -27.27
CA TYR A 239 -1.97 1.27 -27.38
C TYR A 239 -3.29 1.99 -27.64
N LYS A 240 -3.56 3.03 -26.86
CA LYS A 240 -4.78 3.79 -27.04
C LYS A 240 -4.83 4.42 -28.43
N LEU A 241 -3.73 5.03 -28.84
CA LEU A 241 -3.65 5.69 -30.14
C LEU A 241 -3.96 4.76 -31.30
N PHE A 242 -3.40 3.55 -31.26
CA PHE A 242 -3.61 2.57 -32.32
C PHE A 242 -5.05 2.05 -32.41
N ASN A 243 -5.84 2.26 -31.37
CA ASN A 243 -7.21 1.76 -31.36
C ASN A 243 -8.24 2.83 -31.02
N LYS A 244 -8.52 3.68 -32.01
CA LYS A 244 -9.47 4.79 -31.90
C LYS A 244 -9.00 5.95 -31.01
N SAM B . -0.22 -3.50 15.07
CA SAM B . -0.05 -4.56 16.06
C SAM B . 1.38 -4.66 16.58
O SAM B . 2.31 -4.40 15.79
OXT SAM B . 1.53 -5.01 17.79
CB SAM B . -0.41 -5.97 15.53
CG SAM B . -0.15 -6.21 14.02
SD SAM B . -0.51 -7.92 13.47
CE SAM B . 0.81 -8.34 12.31
C5' SAM B . -2.06 -7.83 12.54
C4' SAM B . -3.23 -7.20 13.31
O4' SAM B . -4.35 -6.91 12.47
C3' SAM B . -3.80 -8.02 14.48
O3' SAM B . -4.01 -7.24 15.65
C2' SAM B . -4.97 -8.70 13.82
O2' SAM B . -6.00 -9.03 14.74
C1' SAM B . -5.51 -7.57 12.94
N9 SAM B . -6.25 -8.00 11.74
C8 SAM B . -6.15 -9.08 10.94
N7 SAM B . -7.04 -9.10 9.94
C5 SAM B . -7.80 -7.94 10.09
C6 SAM B . -8.86 -7.32 9.46
N6 SAM B . -9.45 -7.85 8.35
N1 SAM B . -9.36 -6.14 9.91
C2 SAM B . -8.81 -5.56 11.00
N3 SAM B . -7.78 -6.10 11.69
C4 SAM B . -7.29 -7.27 11.22
#